data_8RYK
#
_entry.id   8RYK
#
_cell.length_a   58.777
_cell.length_b   67.394
_cell.length_c   80.219
_cell.angle_alpha   90.00
_cell.angle_beta   90.00
_cell.angle_gamma   90.00
#
_symmetry.space_group_name_H-M   'P 21 21 21'
#
loop_
_entity.id
_entity.type
_entity.pdbx_description
1 polymer 'Interleukin-1 beta'
2 polymer 'Macrocyclic peptide'
3 water water
#
loop_
_entity_poly.entity_id
_entity_poly.type
_entity_poly.pdbx_seq_one_letter_code
_entity_poly.pdbx_strand_id
1 'polypeptide(L)'
;APVRSLNCTLRDSQQKSLVMSGPYELKALHLQGQDMEQQVVFSMSFVQGEESNDKIPVALGLKEKNLYLSCVLKDDKPTL
QLESVDPKNYPKKKMEKRFVFNKIEINNKLEFESAQFPNWYISTSQAENMPVFLGGTKGGQDITDFTMQFVSS
;
A,B
2 'polypeptide(L)' FWDSWGYWYGPWD(CCS)GK(NH2) C,D
#
loop_
_chem_comp.id
_chem_comp.type
_chem_comp.name
_chem_comp.formula
NH2 non-polymer 'AMINO GROUP' 'H2 N'
#
# COMPACT_ATOMS: atom_id res chain seq x y z
N ALA A 1 -20.17 -11.00 -9.28
CA ALA A 1 -18.77 -10.67 -9.54
C ALA A 1 -17.82 -11.85 -9.16
N PRO A 2 -16.81 -12.22 -9.99
CA PRO A 2 -15.91 -13.32 -9.58
C PRO A 2 -14.93 -12.84 -8.52
N VAL A 3 -14.27 -13.77 -7.82
CA VAL A 3 -13.25 -13.43 -6.79
C VAL A 3 -12.11 -12.56 -7.38
N ARG A 4 -11.64 -11.55 -6.60
CA ARG A 4 -10.52 -10.71 -7.02
C ARG A 4 -9.36 -10.93 -6.06
N SER A 5 -8.14 -10.83 -6.62
CA SER A 5 -6.88 -11.07 -5.92
C SER A 5 -5.84 -10.06 -6.33
N LEU A 6 -4.92 -9.80 -5.43
CA LEU A 6 -3.78 -8.91 -5.64
C LEU A 6 -2.53 -9.70 -5.23
N ASN A 7 -1.40 -9.40 -5.88
CA ASN A 7 -0.10 -9.99 -5.58
C ASN A 7 0.63 -9.13 -4.56
N CYS A 8 1.26 -9.77 -3.56
CA CYS A 8 1.95 -9.03 -2.52
C CYS A 8 3.03 -9.89 -1.83
N THR A 9 3.87 -9.22 -1.07
CA THR A 9 4.89 -9.87 -0.23
C THR A 9 4.66 -9.38 1.21
N LEU A 10 5.12 -10.18 2.20
CA LEU A 10 5.01 -9.89 3.63
C LEU A 10 6.38 -9.75 4.26
N ARG A 11 6.48 -8.83 5.20
CA ARG A 11 7.72 -8.61 5.95
C ARG A 11 7.28 -8.37 7.38
N ASP A 12 7.85 -9.12 8.34
CA ASP A 12 7.43 -8.94 9.73
C ASP A 12 7.96 -7.62 10.29
N SER A 13 7.47 -7.22 11.48
CA SER A 13 7.86 -5.96 12.13
C SER A 13 9.37 -5.86 12.47
N GLN A 14 10.10 -7.00 12.44
CA GLN A 14 11.55 -7.04 12.67
C GLN A 14 12.35 -7.10 11.34
N GLN A 15 11.64 -6.86 10.21
CA GLN A 15 12.17 -6.80 8.84
C GLN A 15 12.54 -8.18 8.23
N LYS A 16 11.98 -9.30 8.78
CA LYS A 16 12.22 -10.63 8.22
C LYS A 16 11.30 -10.88 7.03
N SER A 17 11.87 -11.36 5.91
CA SER A 17 11.10 -11.70 4.70
C SER A 17 10.67 -13.17 4.78
N LEU A 18 9.74 -13.59 3.91
CA LEU A 18 9.25 -14.97 3.94
C LEU A 18 9.70 -15.75 2.70
N VAL A 19 10.30 -16.92 2.92
CA VAL A 19 10.83 -17.76 1.82
C VAL A 19 10.34 -19.21 1.99
N MET A 20 10.38 -20.00 0.90
CA MET A 20 10.05 -21.43 0.96
C MET A 20 11.17 -22.12 1.75
N SER A 21 10.81 -22.92 2.75
CA SER A 21 11.70 -23.67 3.65
C SER A 21 11.84 -25.10 3.13
N GLY A 22 10.81 -25.57 2.43
CA GLY A 22 10.70 -26.89 1.82
C GLY A 22 9.52 -26.93 0.86
N PRO A 23 8.94 -28.11 0.48
CA PRO A 23 7.77 -28.07 -0.43
C PRO A 23 6.46 -27.61 0.21
N TYR A 24 6.32 -27.79 1.55
CA TYR A 24 5.08 -27.41 2.23
C TYR A 24 5.31 -26.50 3.45
N GLU A 25 6.45 -25.80 3.50
CA GLU A 25 6.80 -24.91 4.61
C GLU A 25 7.42 -23.59 4.22
N LEU A 26 7.09 -22.54 4.98
CA LEU A 26 7.68 -21.20 4.85
C LEU A 26 8.58 -20.90 6.05
N LYS A 27 9.64 -20.14 5.84
CA LYS A 27 10.52 -19.72 6.93
C LYS A 27 10.75 -18.20 6.84
N ALA A 28 11.24 -17.59 7.94
CA ALA A 28 11.42 -16.13 7.94
C ALA A 28 12.87 -15.72 8.23
N LEU A 29 13.46 -14.86 7.38
CA LEU A 29 14.83 -14.40 7.60
C LEU A 29 15.12 -13.07 6.94
N HIS A 30 16.19 -12.40 7.37
CA HIS A 30 16.56 -11.14 6.75
C HIS A 30 17.31 -11.42 5.47
N LEU A 31 16.78 -10.93 4.35
CA LEU A 31 17.37 -11.04 3.03
C LEU A 31 18.08 -9.71 2.73
N GLN A 32 19.28 -9.80 2.14
CA GLN A 32 19.97 -8.61 1.66
C GLN A 32 19.14 -8.07 0.48
N GLY A 33 19.31 -6.77 0.17
CA GLY A 33 18.57 -6.11 -0.91
C GLY A 33 18.65 -6.80 -2.25
N GLN A 34 19.80 -7.43 -2.54
CA GLN A 34 20.09 -8.18 -3.76
C GLN A 34 19.45 -9.59 -3.80
N ASP A 35 19.03 -10.12 -2.62
CA ASP A 35 18.44 -11.46 -2.53
C ASP A 35 16.93 -11.46 -2.33
N MET A 36 16.34 -10.27 -2.39
CA MET A 36 14.91 -10.04 -2.25
C MET A 36 14.02 -10.88 -3.18
N GLU A 37 14.51 -11.27 -4.37
CA GLU A 37 13.74 -12.08 -5.32
C GLU A 37 13.50 -13.52 -4.86
N GLN A 38 14.16 -13.95 -3.75
CA GLN A 38 13.98 -15.27 -3.14
C GLN A 38 12.69 -15.29 -2.28
N GLN A 39 12.18 -14.09 -1.92
CA GLN A 39 10.98 -13.99 -1.09
C GLN A 39 9.74 -14.49 -1.85
N VAL A 40 8.82 -15.14 -1.12
CA VAL A 40 7.58 -15.65 -1.73
C VAL A 40 6.61 -14.50 -2.08
N VAL A 41 5.96 -14.62 -3.22
CA VAL A 41 4.95 -13.68 -3.65
C VAL A 41 3.60 -14.38 -3.44
N PHE A 42 2.76 -13.78 -2.60
CA PHE A 42 1.43 -14.27 -2.31
C PHE A 42 0.38 -13.70 -3.26
N SER A 43 -0.59 -14.52 -3.55
CA SER A 43 -1.81 -14.20 -4.26
C SER A 43 -2.84 -14.07 -3.09
N MET A 44 -3.22 -12.82 -2.77
CA MET A 44 -4.15 -12.53 -1.70
C MET A 44 -5.55 -12.30 -2.27
N SER A 45 -6.49 -13.21 -2.00
CA SER A 45 -7.87 -13.11 -2.49
C SER A 45 -8.77 -12.57 -1.40
N PHE A 46 -9.77 -11.79 -1.77
CA PHE A 46 -10.78 -11.19 -0.89
C PHE A 46 -11.97 -12.12 -0.91
N VAL A 47 -12.09 -12.88 0.17
CA VAL A 47 -13.08 -13.97 0.26
C VAL A 47 -14.25 -13.64 1.18
N GLN A 48 -15.22 -14.56 1.23
CA GLN A 48 -16.39 -14.48 2.10
C GLN A 48 -15.97 -14.75 3.55
N GLY A 49 -16.54 -13.98 4.46
CA GLY A 49 -16.32 -14.09 5.90
C GLY A 49 -17.12 -13.05 6.65
N GLU A 50 -16.74 -12.78 7.89
CA GLU A 50 -17.45 -11.80 8.73
C GLU A 50 -17.33 -10.34 8.26
N GLU A 51 -18.51 -9.66 8.12
CA GLU A 51 -18.61 -8.25 7.75
C GLU A 51 -18.18 -7.38 8.93
N SER A 52 -16.99 -6.77 8.79
CA SER A 52 -16.34 -6.02 9.83
C SER A 52 -15.59 -4.85 9.22
N ASN A 53 -15.49 -3.71 9.95
CA ASN A 53 -14.70 -2.57 9.51
C ASN A 53 -13.22 -2.83 9.79
N ASP A 54 -12.91 -3.69 10.77
CA ASP A 54 -11.54 -4.02 11.17
C ASP A 54 -10.96 -5.21 10.42
N LYS A 55 -11.71 -6.34 10.45
CA LYS A 55 -11.31 -7.60 9.88
C LYS A 55 -11.72 -7.70 8.42
N ILE A 56 -10.75 -7.99 7.55
CA ILE A 56 -10.95 -8.17 6.12
C ILE A 56 -10.66 -9.65 5.82
N PRO A 57 -11.67 -10.47 5.49
CA PRO A 57 -11.39 -11.90 5.22
C PRO A 57 -10.61 -12.09 3.93
N VAL A 58 -9.50 -12.82 4.04
CA VAL A 58 -8.59 -13.09 2.92
C VAL A 58 -8.14 -14.54 2.90
N ALA A 59 -7.61 -14.98 1.74
CA ALA A 59 -6.94 -16.28 1.63
C ALA A 59 -5.56 -15.99 1.00
N LEU A 60 -4.51 -16.68 1.45
CA LEU A 60 -3.16 -16.44 0.97
C LEU A 60 -2.64 -17.66 0.25
N GLY A 61 -2.37 -17.50 -1.03
CA GLY A 61 -1.88 -18.59 -1.85
C GLY A 61 -0.57 -18.33 -2.54
N LEU A 62 0.07 -19.40 -2.97
CA LEU A 62 1.35 -19.42 -3.70
C LEU A 62 0.99 -20.00 -5.07
N LYS A 63 0.66 -19.08 -6.01
CA LYS A 63 0.15 -19.45 -7.34
C LYS A 63 1.01 -20.48 -8.08
N GLU A 64 2.33 -20.24 -8.19
CA GLU A 64 3.24 -21.13 -8.92
C GLU A 64 3.32 -22.54 -8.35
N LYS A 65 2.98 -22.71 -7.05
CA LYS A 65 3.05 -24.04 -6.45
C LYS A 65 1.69 -24.67 -6.20
N ASN A 66 0.59 -23.96 -6.56
CA ASN A 66 -0.81 -24.39 -6.40
C ASN A 66 -1.10 -24.69 -4.93
N LEU A 67 -0.56 -23.85 -4.04
CA LEU A 67 -0.71 -24.03 -2.61
C LEU A 67 -1.47 -22.87 -1.97
N TYR A 68 -2.20 -23.18 -0.91
CA TYR A 68 -2.85 -22.20 -0.04
C TYR A 68 -2.43 -22.44 1.37
N LEU A 69 -2.23 -21.34 2.13
CA LEU A 69 -2.00 -21.43 3.55
C LEU A 69 -3.37 -21.88 4.15
N SER A 70 -3.33 -22.82 5.10
CA SER A 70 -4.53 -23.33 5.75
C SER A 70 -4.27 -23.69 7.21
N CYS A 71 -5.30 -23.57 8.06
CA CYS A 71 -5.21 -23.83 9.49
C CYS A 71 -5.99 -25.07 9.80
N VAL A 72 -5.32 -26.05 10.37
CA VAL A 72 -5.93 -27.35 10.68
C VAL A 72 -5.53 -27.79 12.07
N LEU A 73 -6.41 -28.54 12.73
CA LEU A 73 -6.07 -29.10 14.03
C LEU A 73 -5.23 -30.38 13.77
N LYS A 74 -3.92 -30.32 14.08
CA LYS A 74 -2.98 -31.44 13.93
C LYS A 74 -2.85 -32.08 15.29
N ASP A 75 -3.50 -33.25 15.49
CA ASP A 75 -3.59 -33.93 16.76
C ASP A 75 -4.26 -32.96 17.76
N ASP A 76 -3.49 -32.36 18.70
CA ASP A 76 -4.04 -31.45 19.69
C ASP A 76 -3.66 -29.99 19.44
N LYS A 77 -2.99 -29.72 18.31
CA LYS A 77 -2.46 -28.41 17.99
C LYS A 77 -3.04 -27.73 16.76
N PRO A 78 -3.60 -26.49 16.89
CA PRO A 78 -3.94 -25.71 15.69
C PRO A 78 -2.63 -25.38 14.93
N THR A 79 -2.59 -25.74 13.63
CA THR A 79 -1.36 -25.71 12.85
C THR A 79 -1.49 -24.98 11.51
N LEU A 80 -0.46 -24.20 11.20
CA LEU A 80 -0.40 -23.55 9.90
C LEU A 80 0.25 -24.56 8.92
N GLN A 81 -0.41 -24.82 7.81
CA GLN A 81 0.14 -25.72 6.79
C GLN A 81 -0.08 -25.17 5.38
N LEU A 82 0.73 -25.65 4.39
CA LEU A 82 0.52 -25.31 2.98
C LEU A 82 -0.17 -26.55 2.40
N GLU A 83 -1.33 -26.32 1.76
CA GLU A 83 -2.20 -27.35 1.19
C GLU A 83 -2.32 -27.19 -0.33
N SER A 84 -2.19 -28.29 -1.10
CA SER A 84 -2.32 -28.25 -2.56
C SER A 84 -3.79 -28.09 -2.96
N VAL A 85 -4.03 -27.28 -3.99
CA VAL A 85 -5.39 -27.05 -4.49
C VAL A 85 -5.42 -27.17 -6.01
N ASP A 86 -6.62 -27.38 -6.57
CA ASP A 86 -6.81 -27.43 -8.01
C ASP A 86 -6.90 -25.96 -8.49
N PRO A 87 -5.92 -25.49 -9.31
CA PRO A 87 -5.95 -24.07 -9.78
C PRO A 87 -7.16 -23.71 -10.65
N LYS A 88 -7.89 -24.72 -11.16
CA LYS A 88 -9.11 -24.47 -11.96
C LYS A 88 -10.28 -24.07 -11.05
N ASN A 89 -10.16 -24.37 -9.74
CA ASN A 89 -11.22 -24.12 -8.77
C ASN A 89 -10.89 -23.06 -7.74
N TYR A 90 -9.60 -22.72 -7.60
CA TYR A 90 -9.10 -21.79 -6.61
C TYR A 90 -8.25 -20.70 -7.23
N PRO A 91 -8.34 -19.44 -6.72
CA PRO A 91 -9.24 -18.98 -5.65
C PRO A 91 -10.72 -18.92 -6.06
N LYS A 92 -11.60 -18.82 -5.05
CA LYS A 92 -13.05 -18.65 -5.25
C LYS A 92 -13.50 -17.74 -4.12
N LYS A 93 -14.69 -17.11 -4.23
CA LYS A 93 -15.16 -16.21 -3.15
C LYS A 93 -15.44 -17.00 -1.86
N LYS A 94 -16.04 -18.16 -2.00
CA LYS A 94 -16.43 -19.00 -0.87
C LYS A 94 -15.37 -20.06 -0.54
N MET A 95 -14.25 -19.59 -0.04
CA MET A 95 -13.11 -20.43 0.40
C MET A 95 -13.53 -21.14 1.68
N GLU A 96 -13.13 -22.40 1.83
CA GLU A 96 -13.48 -23.19 3.02
C GLU A 96 -12.79 -22.56 4.23
N LYS A 97 -13.41 -22.66 5.41
CA LYS A 97 -12.97 -22.06 6.67
C LYS A 97 -11.46 -22.16 6.98
N ARG A 98 -10.82 -23.32 6.71
CA ARG A 98 -9.39 -23.51 7.00
C ARG A 98 -8.48 -22.53 6.26
N PHE A 99 -8.92 -22.01 5.10
CA PHE A 99 -8.15 -21.09 4.24
C PHE A 99 -8.34 -19.62 4.58
N VAL A 100 -9.30 -19.31 5.43
CA VAL A 100 -9.66 -17.93 5.72
C VAL A 100 -8.87 -17.34 6.90
N PHE A 101 -8.26 -16.17 6.62
CA PHE A 101 -7.57 -15.33 7.60
C PHE A 101 -8.25 -13.99 7.66
N ASN A 102 -8.42 -13.47 8.87
CA ASN A 102 -8.95 -12.13 9.02
C ASN A 102 -7.80 -11.19 9.03
N LYS A 103 -7.65 -10.43 7.96
CA LYS A 103 -6.61 -9.42 7.86
C LYS A 103 -7.07 -8.18 8.64
N ILE A 104 -6.30 -7.81 9.67
CA ILE A 104 -6.59 -6.70 10.57
C ILE A 104 -5.42 -5.71 10.51
N GLU A 105 -5.68 -4.41 10.30
CA GLU A 105 -4.63 -3.39 10.30
C GLU A 105 -4.67 -2.67 11.61
N ILE A 106 -3.52 -2.62 12.28
CA ILE A 106 -3.30 -2.01 13.58
C ILE A 106 -1.98 -1.22 13.58
N ASN A 107 -2.07 0.08 13.89
CA ASN A 107 -0.92 1.01 13.89
C ASN A 107 -0.07 0.81 12.61
N ASN A 108 -0.76 0.77 11.46
CA ASN A 108 -0.20 0.64 10.13
C ASN A 108 0.54 -0.68 9.88
N LYS A 109 0.29 -1.71 10.71
CA LYS A 109 0.84 -3.06 10.57
C LYS A 109 -0.32 -4.03 10.42
N LEU A 110 -0.08 -5.17 9.78
CA LEU A 110 -1.12 -6.16 9.54
C LEU A 110 -0.94 -7.40 10.37
N GLU A 111 -2.06 -7.96 10.83
CA GLU A 111 -2.09 -9.21 11.57
C GLU A 111 -3.02 -10.12 10.76
N PHE A 112 -2.80 -11.44 10.80
CA PHE A 112 -3.62 -12.37 10.06
C PHE A 112 -4.12 -13.40 11.04
N GLU A 113 -5.34 -13.18 11.53
CA GLU A 113 -5.99 -14.10 12.45
C GLU A 113 -6.67 -15.25 11.73
N SER A 114 -6.44 -16.48 12.19
CA SER A 114 -7.14 -17.60 11.60
C SER A 114 -8.65 -17.49 11.90
N ALA A 115 -9.50 -17.57 10.86
CA ALA A 115 -10.97 -17.61 11.09
C ALA A 115 -11.37 -18.94 11.76
N GLN A 116 -10.71 -20.04 11.38
CA GLN A 116 -10.98 -21.38 11.91
C GLN A 116 -10.63 -21.41 13.41
N PHE A 117 -9.50 -20.77 13.76
CA PHE A 117 -8.95 -20.66 15.11
C PHE A 117 -8.89 -19.21 15.60
N PRO A 118 -10.02 -18.61 16.04
CA PRO A 118 -9.97 -17.22 16.53
C PRO A 118 -8.89 -17.05 17.60
N ASN A 119 -8.19 -15.90 17.59
CA ASN A 119 -7.08 -15.57 18.51
C ASN A 119 -5.78 -16.34 18.19
N TRP A 120 -5.73 -17.00 17.04
CA TRP A 120 -4.50 -17.64 16.55
C TRP A 120 -4.10 -16.83 15.32
N TYR A 121 -2.79 -16.55 15.17
CA TYR A 121 -2.26 -15.66 14.13
C TYR A 121 -1.11 -16.24 13.38
N ILE A 122 -0.93 -15.80 12.11
CA ILE A 122 0.28 -16.13 11.35
C ILE A 122 1.44 -15.46 12.14
N SER A 123 2.42 -16.27 12.50
CA SER A 123 3.50 -15.83 13.37
C SER A 123 4.87 -16.22 12.89
N THR A 124 5.85 -15.43 13.29
CA THR A 124 7.25 -15.70 13.08
C THR A 124 7.95 -15.71 14.45
N SER A 125 9.08 -16.39 14.55
CA SER A 125 9.90 -16.40 15.77
C SER A 125 10.84 -15.17 15.70
N GLN A 126 11.39 -14.71 16.85
CA GLN A 126 12.35 -13.60 16.87
C GLN A 126 13.69 -14.04 16.27
N ALA A 127 13.98 -15.35 16.39
CA ALA A 127 15.20 -16.00 15.88
C ALA A 127 15.16 -16.08 14.36
N GLU A 128 16.34 -16.12 13.76
CA GLU A 128 16.53 -16.20 12.32
C GLU A 128 16.30 -17.61 11.78
N ASN A 129 15.83 -17.72 10.50
CA ASN A 129 15.68 -18.97 9.75
C ASN A 129 14.75 -20.03 10.40
N MET A 130 13.73 -19.58 11.18
CA MET A 130 12.74 -20.42 11.82
C MET A 130 11.45 -20.51 10.99
N PRO A 131 10.68 -21.63 11.03
CA PRO A 131 9.43 -21.68 10.23
C PRO A 131 8.35 -20.65 10.60
N VAL A 132 7.50 -20.33 9.63
CA VAL A 132 6.32 -19.49 9.85
C VAL A 132 5.30 -20.50 10.44
N PHE A 133 4.54 -20.10 11.47
CA PHE A 133 3.63 -20.98 12.19
C PHE A 133 2.39 -20.24 12.68
N LEU A 134 1.43 -21.02 13.24
CA LEU A 134 0.24 -20.44 13.82
C LEU A 134 0.48 -20.26 15.33
N GLY A 135 0.42 -19.02 15.81
CA GLY A 135 0.64 -18.69 17.22
C GLY A 135 -0.63 -18.33 17.93
N GLY A 136 -0.82 -18.84 19.16
CA GLY A 136 -2.02 -18.62 19.97
C GLY A 136 -2.20 -17.28 20.66
N THR A 137 -1.46 -16.25 20.21
CA THR A 137 -1.53 -14.90 20.77
C THR A 137 -0.98 -13.88 19.79
N LYS A 138 -1.53 -12.63 19.82
CA LYS A 138 -1.01 -11.50 19.05
C LYS A 138 0.01 -10.75 19.94
N GLY A 139 0.16 -11.22 21.18
CA GLY A 139 1.10 -10.70 22.18
C GLY A 139 2.29 -11.62 22.35
N GLY A 140 2.93 -11.55 23.53
CA GLY A 140 4.11 -12.35 23.86
C GLY A 140 5.35 -11.99 23.08
N GLN A 141 6.34 -12.91 23.04
CA GLN A 141 7.62 -12.74 22.35
C GLN A 141 7.57 -12.96 20.84
N ASP A 142 6.70 -13.84 20.34
CA ASP A 142 6.61 -14.09 18.89
C ASP A 142 6.10 -12.87 18.09
N ILE A 143 6.40 -12.84 16.79
CA ILE A 143 6.01 -11.71 15.93
C ILE A 143 4.75 -12.06 15.11
N THR A 144 3.73 -11.18 15.19
CA THR A 144 2.42 -11.35 14.51
C THR A 144 2.07 -10.12 13.65
N ASP A 145 2.95 -9.08 13.62
CA ASP A 145 2.71 -7.85 12.88
C ASP A 145 3.58 -7.83 11.63
N PHE A 146 2.97 -7.44 10.49
CA PHE A 146 3.65 -7.40 9.21
C PHE A 146 3.37 -6.13 8.42
N THR A 147 4.19 -5.87 7.41
CA THR A 147 3.95 -4.85 6.40
C THR A 147 3.81 -5.62 5.10
N MET A 148 3.03 -5.11 4.21
CA MET A 148 2.72 -5.71 2.92
C MET A 148 3.22 -4.81 1.80
N GLN A 149 3.93 -5.39 0.87
CA GLN A 149 4.34 -4.64 -0.31
C GLN A 149 3.58 -5.24 -1.48
N PHE A 150 2.78 -4.44 -2.17
CA PHE A 150 2.04 -4.93 -3.33
C PHE A 150 3.00 -5.01 -4.53
N VAL A 151 2.79 -6.03 -5.37
CA VAL A 151 3.63 -6.28 -6.53
C VAL A 151 2.87 -5.80 -7.74
N SER A 152 3.54 -5.03 -8.61
CA SER A 152 3.02 -4.51 -9.88
C SER A 152 2.25 -5.59 -10.63
N SER A 153 1.10 -5.21 -11.20
CA SER A 153 0.23 -6.13 -11.95
C SER A 153 -0.84 -5.35 -12.76
N ALA B 1 22.21 15.26 5.92
CA ALA B 1 21.42 16.39 5.45
C ALA B 1 19.92 16.19 5.80
N PRO B 2 19.19 17.24 6.28
CA PRO B 2 17.77 17.04 6.60
C PRO B 2 16.92 17.00 5.32
N VAL B 3 15.68 16.49 5.41
CA VAL B 3 14.75 16.45 4.28
C VAL B 3 14.50 17.86 3.67
N ARG B 4 14.44 17.97 2.33
CA ARG B 4 14.12 19.25 1.67
C ARG B 4 12.78 19.12 0.94
N SER B 5 12.05 20.23 0.88
CA SER B 5 10.73 20.34 0.27
C SER B 5 10.64 21.65 -0.52
N LEU B 6 9.75 21.65 -1.50
CA LEU B 6 9.41 22.79 -2.31
C LEU B 6 7.87 22.89 -2.32
N ASN B 7 7.36 24.12 -2.45
CA ASN B 7 5.92 24.41 -2.53
C ASN B 7 5.49 24.43 -3.99
N CYS B 8 4.34 23.79 -4.28
CA CYS B 8 3.85 23.72 -5.66
C CYS B 8 2.34 23.47 -5.69
N THR B 9 1.76 23.65 -6.88
CA THR B 9 0.34 23.38 -7.16
C THR B 9 0.34 22.41 -8.33
N LEU B 10 -0.66 21.55 -8.38
CA LEU B 10 -0.81 20.60 -9.46
C LEU B 10 -2.00 20.97 -10.25
N ARG B 11 -1.95 20.71 -11.54
CA ARG B 11 -3.05 20.96 -12.43
C ARG B 11 -3.05 19.79 -13.38
N ASP B 12 -4.19 19.12 -13.54
CA ASP B 12 -4.23 17.97 -14.44
C ASP B 12 -4.13 18.40 -15.92
N SER B 13 -3.90 17.43 -16.82
CA SER B 13 -3.76 17.69 -18.26
C SER B 13 -5.00 18.35 -18.89
N GLN B 14 -6.17 18.32 -18.21
CA GLN B 14 -7.41 18.96 -18.68
C GLN B 14 -7.65 20.34 -18.01
N GLN B 15 -6.62 20.85 -17.31
CA GLN B 15 -6.56 22.15 -16.63
C GLN B 15 -7.38 22.22 -15.31
N LYS B 16 -7.70 21.07 -14.69
CA LYS B 16 -8.40 21.07 -13.40
C LYS B 16 -7.42 21.31 -12.27
N SER B 17 -7.77 22.24 -11.37
CA SER B 17 -6.99 22.54 -10.16
C SER B 17 -7.49 21.64 -9.01
N LEU B 18 -6.75 21.55 -7.93
CA LEU B 18 -7.10 20.69 -6.80
C LEU B 18 -7.48 21.50 -5.58
N VAL B 19 -8.65 21.20 -5.01
CA VAL B 19 -9.20 21.92 -3.84
C VAL B 19 -9.64 20.94 -2.75
N MET B 20 -9.79 21.43 -1.51
CA MET B 20 -10.27 20.59 -0.41
C MET B 20 -11.74 20.30 -0.64
N SER B 21 -12.14 19.05 -0.39
CA SER B 21 -13.53 18.57 -0.40
C SER B 21 -13.73 18.06 1.03
N GLY B 22 -14.14 18.96 1.92
CA GLY B 22 -14.28 18.63 3.32
C GLY B 22 -12.95 18.61 4.05
N PRO B 23 -12.82 17.78 5.13
CA PRO B 23 -11.58 17.79 5.92
C PRO B 23 -10.47 16.83 5.51
N TYR B 24 -10.83 15.71 4.87
CA TYR B 24 -9.86 14.69 4.47
C TYR B 24 -9.92 14.30 3.01
N GLU B 25 -10.42 15.16 2.14
CA GLU B 25 -10.44 14.76 0.73
C GLU B 25 -10.13 15.91 -0.18
N LEU B 26 -9.70 15.59 -1.40
CA LEU B 26 -9.44 16.57 -2.45
C LEU B 26 -10.37 16.33 -3.62
N LYS B 27 -10.76 17.40 -4.32
CA LYS B 27 -11.55 17.29 -5.53
C LYS B 27 -10.87 18.11 -6.65
N ALA B 28 -11.11 17.74 -7.92
CA ALA B 28 -10.51 18.47 -9.05
C ALA B 28 -11.58 19.33 -9.68
N LEU B 29 -11.27 20.62 -9.80
CA LEU B 29 -12.21 21.64 -10.25
C LEU B 29 -11.57 22.69 -11.13
N HIS B 30 -12.33 23.23 -12.09
CA HIS B 30 -11.87 24.34 -12.92
C HIS B 30 -12.08 25.59 -12.14
N LEU B 31 -11.00 26.31 -11.93
CA LEU B 31 -11.04 27.58 -11.24
C LEU B 31 -10.59 28.62 -12.24
N GLN B 32 -11.08 29.85 -12.14
CA GLN B 32 -10.64 30.90 -13.05
C GLN B 32 -10.51 32.20 -12.29
N GLY B 33 -9.47 32.98 -12.66
CA GLY B 33 -9.16 34.28 -12.09
C GLY B 33 -8.84 34.24 -10.61
N GLN B 34 -9.65 34.98 -9.82
CA GLN B 34 -9.55 35.14 -8.37
C GLN B 34 -9.82 33.84 -7.61
N ASP B 35 -10.54 32.89 -8.23
CA ASP B 35 -10.86 31.59 -7.63
C ASP B 35 -9.61 30.69 -7.45
N MET B 36 -8.44 31.09 -8.02
CA MET B 36 -7.18 30.34 -7.92
C MET B 36 -6.67 30.17 -6.49
N GLU B 37 -6.96 31.12 -5.58
CA GLU B 37 -6.51 31.07 -4.18
C GLU B 37 -7.13 29.92 -3.36
N GLN B 38 -8.18 29.28 -3.91
CA GLN B 38 -8.89 28.16 -3.29
C GLN B 38 -8.11 26.88 -3.52
N GLN B 39 -7.21 26.86 -4.53
CA GLN B 39 -6.40 25.68 -4.83
C GLN B 39 -5.43 25.34 -3.71
N VAL B 40 -5.18 24.06 -3.56
CA VAL B 40 -4.28 23.57 -2.55
C VAL B 40 -2.82 23.81 -2.96
N VAL B 41 -2.00 24.21 -1.98
CA VAL B 41 -0.58 24.34 -2.18
C VAL B 41 0.05 23.18 -1.47
N PHE B 42 0.73 22.34 -2.24
CA PHE B 42 1.44 21.18 -1.72
C PHE B 42 2.87 21.49 -1.30
N SER B 43 3.29 20.84 -0.24
CA SER B 43 4.63 20.80 0.26
C SER B 43 5.12 19.43 -0.30
N MET B 44 5.98 19.48 -1.33
CA MET B 44 6.53 18.27 -1.95
C MET B 44 7.91 17.99 -1.39
N SER B 45 8.05 16.90 -0.65
CA SER B 45 9.34 16.52 -0.04
C SER B 45 9.99 15.42 -0.87
N PHE B 46 11.33 15.44 -0.92
CA PHE B 46 12.15 14.46 -1.63
C PHE B 46 12.57 13.42 -0.63
N VAL B 47 11.93 12.27 -0.70
CA VAL B 47 12.09 11.21 0.30
C VAL B 47 12.89 10.02 -0.20
N GLN B 48 13.14 9.06 0.71
CA GLN B 48 13.83 7.81 0.41
C GLN B 48 12.87 6.87 -0.35
N GLY B 49 13.40 6.18 -1.34
CA GLY B 49 12.63 5.23 -2.13
C GLY B 49 13.47 4.57 -3.20
N GLU B 50 12.79 3.91 -4.16
CA GLU B 50 13.43 3.19 -5.26
C GLU B 50 13.70 4.22 -6.32
N GLU B 51 14.95 4.68 -6.42
CA GLU B 51 15.31 5.72 -7.37
C GLU B 51 15.83 5.12 -8.67
N SER B 52 15.36 5.68 -9.79
CA SER B 52 15.75 5.35 -11.15
C SER B 52 15.85 6.67 -11.90
N ASN B 53 16.30 6.68 -13.16
CA ASN B 53 16.40 7.95 -13.89
C ASN B 53 15.01 8.57 -14.11
N ASP B 54 13.99 7.72 -14.10
CA ASP B 54 12.62 8.09 -14.35
C ASP B 54 11.87 8.52 -13.10
N LYS B 55 11.86 7.64 -12.09
CA LYS B 55 11.10 7.80 -10.86
C LYS B 55 11.87 8.59 -9.81
N ILE B 56 11.23 9.64 -9.28
CA ILE B 56 11.73 10.45 -8.20
C ILE B 56 10.81 10.26 -6.99
N PRO B 57 11.24 9.58 -5.90
CA PRO B 57 10.35 9.41 -4.73
C PRO B 57 10.02 10.70 -4.01
N VAL B 58 8.74 10.94 -3.79
CA VAL B 58 8.23 12.18 -3.17
C VAL B 58 7.11 11.89 -2.20
N ALA B 59 6.79 12.87 -1.33
CA ALA B 59 5.62 12.80 -0.45
C ALA B 59 4.91 14.16 -0.63
N LEU B 60 3.58 14.15 -0.66
CA LEU B 60 2.82 15.37 -0.90
C LEU B 60 1.99 15.69 0.32
N GLY B 61 2.28 16.83 0.92
CA GLY B 61 1.59 17.28 2.11
C GLY B 61 0.92 18.62 1.99
N LEU B 62 -0.01 18.88 2.91
CA LEU B 62 -0.80 20.10 3.02
C LEU B 62 -0.39 20.66 4.38
N LYS B 63 0.66 21.51 4.36
CA LYS B 63 1.30 22.06 5.58
C LYS B 63 0.31 22.70 6.56
N GLU B 64 -0.56 23.61 6.06
CA GLU B 64 -1.55 24.31 6.89
C GLU B 64 -2.50 23.38 7.65
N LYS B 65 -2.75 22.17 7.10
CA LYS B 65 -3.68 21.24 7.73
C LYS B 65 -3.01 20.05 8.41
N ASN B 66 -1.66 19.98 8.38
CA ASN B 66 -0.86 18.88 8.97
C ASN B 66 -1.29 17.54 8.38
N LEU B 67 -1.54 17.52 7.06
CA LEU B 67 -1.99 16.34 6.35
C LEU B 67 -0.99 15.91 5.30
N TYR B 68 -0.90 14.61 5.08
CA TYR B 68 -0.17 14.01 3.97
C TYR B 68 -1.07 13.12 3.17
N LEU B 69 -0.88 13.11 1.84
CA LEU B 69 -1.57 12.16 0.97
C LEU B 69 -0.95 10.78 1.29
N SER B 70 -1.80 9.75 1.41
CA SER B 70 -1.35 8.41 1.69
C SER B 70 -2.22 7.35 0.98
N CYS B 71 -1.61 6.19 0.65
CA CYS B 71 -2.29 5.11 -0.06
C CYS B 71 -2.44 3.95 0.88
N VAL B 72 -3.70 3.53 1.09
CA VAL B 72 -4.02 2.45 2.01
C VAL B 72 -5.00 1.47 1.37
N LEU B 73 -4.91 0.20 1.74
CA LEU B 73 -5.87 -0.77 1.25
C LEU B 73 -7.15 -0.67 2.10
N LYS B 74 -8.24 -0.15 1.50
CA LYS B 74 -9.54 0.00 2.14
C LYS B 74 -10.39 -1.17 1.69
N ASP B 75 -10.58 -2.16 2.58
CA ASP B 75 -11.26 -3.41 2.28
C ASP B 75 -10.48 -4.09 1.12
N ASP B 76 -11.03 -4.08 -0.12
CA ASP B 76 -10.36 -4.70 -1.27
C ASP B 76 -9.78 -3.69 -2.24
N LYS B 77 -9.87 -2.40 -1.91
CA LYS B 77 -9.46 -1.32 -2.78
C LYS B 77 -8.28 -0.47 -2.31
N PRO B 78 -7.21 -0.35 -3.13
CA PRO B 78 -6.15 0.62 -2.85
C PRO B 78 -6.75 2.05 -2.98
N THR B 79 -6.66 2.84 -1.91
CA THR B 79 -7.36 4.10 -1.74
C THR B 79 -6.46 5.30 -1.40
N LEU B 80 -6.75 6.42 -2.06
CA LEU B 80 -6.04 7.63 -1.75
C LEU B 80 -6.76 8.33 -0.58
N GLN B 81 -6.01 8.67 0.46
CA GLN B 81 -6.59 9.37 1.60
C GLN B 81 -5.66 10.49 2.13
N LEU B 82 -6.20 11.45 2.89
CA LEU B 82 -5.41 12.48 3.57
C LEU B 82 -5.33 12.02 5.03
N GLU B 83 -4.12 11.93 5.55
CA GLU B 83 -3.83 11.45 6.90
C GLU B 83 -3.14 12.56 7.74
N SER B 84 -3.58 12.75 9.00
CA SER B 84 -2.99 13.74 9.90
C SER B 84 -1.64 13.24 10.39
N VAL B 85 -0.66 14.14 10.49
CA VAL B 85 0.67 13.82 10.99
C VAL B 85 1.11 14.84 12.03
N ASP B 86 2.12 14.47 12.86
CA ASP B 86 2.73 15.35 13.85
C ASP B 86 3.74 16.24 13.06
N PRO B 87 3.48 17.57 12.96
CA PRO B 87 4.39 18.45 12.18
C PRO B 87 5.81 18.55 12.76
N LYS B 88 6.03 18.10 14.01
CA LYS B 88 7.37 18.10 14.61
C LYS B 88 8.21 16.94 14.05
N ASN B 89 7.55 15.95 13.44
CA ASN B 89 8.20 14.74 12.91
C ASN B 89 8.15 14.61 11.41
N TYR B 90 7.26 15.37 10.76
CA TYR B 90 7.02 15.30 9.32
C TYR B 90 7.12 16.68 8.66
N PRO B 91 7.68 16.77 7.43
CA PRO B 91 8.30 15.67 6.65
C PRO B 91 9.61 15.15 7.25
N LYS B 92 10.03 13.95 6.80
CA LYS B 92 11.30 13.34 7.13
C LYS B 92 11.78 12.63 5.88
N LYS B 93 13.08 12.30 5.80
CA LYS B 93 13.59 11.61 4.60
C LYS B 93 12.99 10.20 4.46
N LYS B 94 12.86 9.48 5.58
CA LYS B 94 12.36 8.11 5.59
C LYS B 94 10.87 8.07 5.91
N MET B 95 10.06 8.55 4.96
CA MET B 95 8.60 8.54 5.05
C MET B 95 8.13 7.08 4.92
N GLU B 96 7.10 6.71 5.66
CA GLU B 96 6.56 5.34 5.63
C GLU B 96 5.96 5.12 4.22
N LYS B 97 6.01 3.87 3.75
CA LYS B 97 5.59 3.44 2.42
C LYS B 97 4.27 4.03 1.90
N ARG B 98 3.25 4.15 2.75
CA ARG B 98 1.94 4.69 2.34
C ARG B 98 2.00 6.11 1.81
N PHE B 99 2.99 6.91 2.26
CA PHE B 99 3.17 8.32 1.90
C PHE B 99 3.98 8.55 0.63
N VAL B 100 4.64 7.50 0.14
CA VAL B 100 5.57 7.65 -0.97
C VAL B 100 4.90 7.48 -2.34
N PHE B 101 5.15 8.48 -3.20
CA PHE B 101 4.75 8.50 -4.60
C PHE B 101 5.98 8.60 -5.46
N ASN B 102 6.03 7.85 -6.55
CA ASN B 102 7.12 7.96 -7.50
C ASN B 102 6.72 8.96 -8.53
N LYS B 103 7.36 10.12 -8.49
CA LYS B 103 7.10 11.17 -9.46
C LYS B 103 7.87 10.82 -10.74
N ILE B 104 7.11 10.61 -11.83
CA ILE B 104 7.61 10.21 -13.13
C ILE B 104 7.31 11.31 -14.15
N GLU B 105 8.36 11.72 -14.88
CA GLU B 105 8.32 12.74 -15.93
C GLU B 105 8.16 12.05 -17.27
N ILE B 106 7.07 12.38 -17.99
CA ILE B 106 6.76 11.79 -19.30
C ILE B 106 6.18 12.86 -20.24
N ASN B 107 6.89 13.09 -21.35
CA ASN B 107 6.53 14.11 -22.35
C ASN B 107 6.19 15.43 -21.65
N ASN B 108 7.07 15.86 -20.72
CA ASN B 108 7.01 17.09 -19.95
C ASN B 108 5.80 17.19 -19.02
N LYS B 109 5.18 16.05 -18.72
CA LYS B 109 4.05 15.96 -17.80
C LYS B 109 4.47 15.07 -16.62
N LEU B 110 3.72 15.13 -15.52
CA LEU B 110 4.05 14.31 -14.35
C LEU B 110 2.97 13.35 -13.97
N GLU B 111 3.37 12.16 -13.57
CA GLU B 111 2.49 11.11 -13.06
C GLU B 111 3.00 10.81 -11.65
N PHE B 112 2.10 10.39 -10.75
CA PHE B 112 2.48 10.10 -9.37
C PHE B 112 2.02 8.69 -9.07
N GLU B 113 2.94 7.73 -9.18
CA GLU B 113 2.68 6.33 -8.89
C GLU B 113 2.80 6.03 -7.42
N SER B 114 1.81 5.34 -6.85
CA SER B 114 1.93 4.93 -5.46
C SER B 114 3.09 3.92 -5.31
N ALA B 115 4.02 4.16 -4.40
CA ALA B 115 5.07 3.17 -4.10
C ALA B 115 4.46 1.93 -3.39
N GLN B 116 3.46 2.14 -2.54
CA GLN B 116 2.80 1.08 -1.80
C GLN B 116 2.05 0.15 -2.77
N PHE B 117 1.42 0.76 -3.78
CA PHE B 117 0.65 0.10 -4.83
C PHE B 117 1.25 0.37 -6.22
N PRO B 118 2.35 -0.32 -6.61
CA PRO B 118 2.91 -0.12 -7.96
C PRO B 118 1.84 -0.25 -9.05
N ASN B 119 1.94 0.61 -10.10
CA ASN B 119 0.97 0.65 -11.20
C ASN B 119 -0.37 1.32 -10.80
N TRP B 120 -0.42 1.95 -9.63
CA TRP B 120 -1.58 2.74 -9.20
C TRP B 120 -1.12 4.17 -9.16
N TYR B 121 -1.96 5.11 -9.59
CA TYR B 121 -1.54 6.51 -9.73
C TYR B 121 -2.55 7.51 -9.17
N ILE B 122 -2.08 8.73 -8.82
CA ILE B 122 -2.97 9.83 -8.40
C ILE B 122 -3.77 10.16 -9.70
N SER B 123 -5.09 10.04 -9.63
CA SER B 123 -5.97 10.24 -10.77
C SER B 123 -7.06 11.26 -10.50
N THR B 124 -7.64 11.80 -11.59
CA THR B 124 -8.76 12.71 -11.53
C THR B 124 -9.72 12.19 -12.60
N SER B 125 -11.01 12.43 -12.44
CA SER B 125 -11.99 11.99 -13.43
C SER B 125 -12.06 13.09 -14.52
N GLN B 126 -12.60 12.75 -15.71
CA GLN B 126 -12.76 13.74 -16.78
C GLN B 126 -13.88 14.75 -16.40
N ALA B 127 -14.84 14.28 -15.59
CA ALA B 127 -15.98 15.05 -15.06
C ALA B 127 -15.54 16.11 -14.07
N GLU B 128 -16.33 17.18 -13.98
CA GLU B 128 -16.10 18.30 -13.09
C GLU B 128 -16.53 18.00 -11.64
N ASN B 129 -15.85 18.63 -10.65
CA ASN B 129 -16.14 18.58 -9.21
C ASN B 129 -16.14 17.15 -8.59
N MET B 130 -15.30 16.25 -9.10
CA MET B 130 -15.20 14.89 -8.59
C MET B 130 -13.94 14.68 -7.72
N PRO B 131 -13.94 13.71 -6.80
CA PRO B 131 -12.76 13.52 -5.94
C PRO B 131 -11.47 13.09 -6.64
N VAL B 132 -10.34 13.41 -6.02
CA VAL B 132 -9.02 12.95 -6.48
C VAL B 132 -8.95 11.54 -5.88
N PHE B 133 -8.46 10.56 -6.65
CA PHE B 133 -8.45 9.16 -6.22
C PHE B 133 -7.22 8.42 -6.73
N LEU B 134 -7.05 7.18 -6.27
CA LEU B 134 -5.97 6.33 -6.75
C LEU B 134 -6.55 5.39 -7.80
N GLY B 135 -6.04 5.48 -9.02
CA GLY B 135 -6.48 4.63 -10.13
C GLY B 135 -5.45 3.58 -10.48
N GLY B 136 -5.93 2.42 -10.96
CA GLY B 136 -5.09 1.26 -11.26
C GLY B 136 -4.43 1.19 -12.63
N THR B 137 -4.33 2.33 -13.31
CA THR B 137 -3.72 2.40 -14.65
C THR B 137 -3.29 3.83 -14.96
N LYS B 138 -2.23 3.98 -15.77
CA LYS B 138 -1.80 5.29 -16.29
C LYS B 138 -2.48 5.51 -17.67
N GLY B 139 -3.28 4.52 -18.08
CA GLY B 139 -4.07 4.53 -19.30
C GLY B 139 -5.55 4.75 -19.01
N GLY B 140 -6.38 4.32 -19.95
CA GLY B 140 -7.84 4.47 -19.87
C GLY B 140 -8.32 5.91 -20.04
N GLN B 141 -9.57 6.17 -19.59
CA GLN B 141 -10.24 7.47 -19.65
C GLN B 141 -9.84 8.45 -18.54
N ASP B 142 -9.48 7.94 -17.35
CA ASP B 142 -9.10 8.83 -16.25
C ASP B 142 -7.79 9.58 -16.52
N ILE B 143 -7.64 10.74 -15.89
CA ILE B 143 -6.48 11.59 -16.09
C ILE B 143 -5.43 11.24 -15.02
N THR B 144 -4.21 10.91 -15.45
CA THR B 144 -3.10 10.56 -14.55
C THR B 144 -1.88 11.48 -14.82
N ASP B 145 -2.03 12.50 -15.72
CA ASP B 145 -0.96 13.43 -16.10
C ASP B 145 -1.21 14.82 -15.54
N PHE B 146 -0.18 15.43 -14.94
CA PHE B 146 -0.24 16.74 -14.28
C PHE B 146 0.89 17.66 -14.73
N THR B 147 0.67 18.97 -14.59
CA THR B 147 1.70 19.98 -14.72
C THR B 147 1.85 20.56 -13.32
N MET B 148 3.06 20.95 -13.00
CA MET B 148 3.39 21.48 -11.70
C MET B 148 3.83 22.94 -11.77
N GLN B 149 3.19 23.78 -10.95
CA GLN B 149 3.61 25.17 -10.89
C GLN B 149 4.24 25.38 -9.54
N PHE B 150 5.52 25.77 -9.52
CA PHE B 150 6.21 26.02 -8.25
C PHE B 150 5.79 27.37 -7.72
N VAL B 151 5.64 27.46 -6.40
CA VAL B 151 5.19 28.66 -5.72
C VAL B 151 6.42 29.32 -5.12
N SER B 152 6.58 30.62 -5.39
CA SER B 152 7.67 31.48 -4.88
C SER B 152 7.96 31.15 -3.39
N SER B 153 9.26 31.03 -3.05
CA SER B 153 9.74 30.75 -1.69
C SER B 153 11.21 31.19 -1.50
N PHE C 1 -7.79 -13.78 -15.14
CA PHE C 1 -7.19 -12.76 -15.97
C PHE C 1 -6.88 -11.51 -15.17
N TRP C 2 -5.92 -10.70 -15.65
CA TRP C 2 -5.57 -9.41 -15.06
C TRP C 2 -6.48 -8.36 -15.67
N ASP C 3 -7.23 -7.56 -14.85
CA ASP C 3 -8.06 -6.48 -15.41
C ASP C 3 -7.22 -5.25 -15.66
N SER C 4 -7.84 -4.11 -16.14
CA SER C 4 -7.06 -2.89 -16.39
C SER C 4 -6.41 -2.29 -15.13
N TRP C 5 -6.98 -2.48 -13.92
CA TRP C 5 -6.41 -1.94 -12.66
C TRP C 5 -5.46 -2.91 -11.97
N GLY C 6 -5.11 -4.10 -12.53
CA GLY C 6 -4.12 -4.95 -11.87
C GLY C 6 -4.70 -6.00 -10.95
N TYR C 7 -6.04 -6.18 -10.90
CA TYR C 7 -6.58 -7.25 -10.05
C TYR C 7 -6.61 -8.48 -10.91
N TRP C 8 -6.39 -9.63 -10.27
CA TRP C 8 -6.54 -10.91 -10.96
C TRP C 8 -7.96 -11.37 -10.61
N TYR C 9 -8.83 -11.64 -11.61
CA TYR C 9 -10.17 -12.11 -11.36
C TYR C 9 -10.29 -13.59 -11.70
N GLY C 10 -11.04 -14.32 -10.87
CA GLY C 10 -11.34 -15.74 -11.06
C GLY C 10 -10.29 -16.68 -10.49
N PRO C 11 -10.36 -18.01 -10.81
CA PRO C 11 -9.36 -18.94 -10.31
C PRO C 11 -8.03 -18.70 -11.00
N TRP C 12 -6.99 -19.42 -10.51
CA TRP C 12 -5.64 -19.26 -11.08
C TRP C 12 -5.56 -19.77 -12.50
N ASP C 13 -6.44 -20.73 -12.84
CA ASP C 13 -6.54 -21.27 -14.17
C ASP C 13 -7.98 -21.03 -14.61
N CCS C 14 -8.21 -19.89 -15.32
CA CCS C 14 -9.48 -19.41 -15.85
CB CCS C 14 -9.19 -17.96 -16.39
SG CCS C 14 -9.76 -16.73 -15.18
CD CCS C 14 -8.25 -16.07 -14.44
CE CCS C 14 -7.70 -15.10 -15.45
OZ1 CCS C 14 -7.13 -15.53 -16.44
C CCS C 14 -9.99 -20.29 -16.97
O CCS C 14 -11.19 -20.24 -17.26
N GLY C 15 -9.11 -21.07 -17.66
N PHE D 1 12.87 25.41 8.26
CA PHE D 1 13.20 26.78 7.87
C PHE D 1 13.40 26.87 6.37
N TRP D 2 13.25 28.10 5.84
CA TRP D 2 13.48 28.40 4.42
C TRP D 2 14.96 28.71 4.28
N ASP D 3 15.71 28.03 3.37
CA ASP D 3 17.13 28.38 3.15
C ASP D 3 17.23 29.55 2.19
N SER D 4 18.47 29.99 1.81
CA SER D 4 18.62 31.13 0.88
C SER D 4 18.06 30.87 -0.51
N TRP D 5 17.99 29.59 -0.99
CA TRP D 5 17.44 29.25 -2.32
C TRP D 5 15.95 28.91 -2.29
N GLY D 6 15.21 29.03 -1.15
CA GLY D 6 13.77 28.77 -1.22
C GLY D 6 13.37 27.36 -0.90
N TYR D 7 14.30 26.48 -0.44
CA TYR D 7 13.87 25.13 -0.06
C TYR D 7 13.48 25.24 1.39
N TRP D 8 12.50 24.42 1.78
CA TRP D 8 12.13 24.30 3.19
C TRP D 8 12.89 23.07 3.67
N TYR D 9 13.74 23.18 4.72
CA TYR D 9 14.45 22.03 5.26
C TYR D 9 13.85 21.63 6.58
N GLY D 10 13.84 20.30 6.83
CA GLY D 10 13.38 19.71 8.09
C GLY D 10 11.88 19.50 8.16
N PRO D 11 11.34 19.16 9.37
CA PRO D 11 9.91 18.99 9.50
C PRO D 11 9.20 20.32 9.42
N TRP D 12 7.86 20.27 9.40
CA TRP D 12 7.07 21.50 9.30
C TRP D 12 7.19 22.37 10.53
N ASP D 13 7.51 21.75 11.67
CA ASP D 13 7.72 22.43 12.93
C ASP D 13 9.12 22.03 13.37
N CCS D 14 10.13 22.87 13.01
CA CCS D 14 11.55 22.73 13.31
CB CCS D 14 12.29 23.82 12.48
SG CCS D 14 12.93 23.08 10.93
CD CCS D 14 11.84 23.73 9.63
CE CCS D 14 12.21 25.16 9.40
OZ1 CCS D 14 11.85 26.02 10.19
C CCS D 14 11.87 22.88 14.80
O CCS D 14 12.99 22.56 15.18
N GLY D 15 10.96 23.41 15.65
CA GLY D 15 11.16 23.61 17.10
C GLY D 15 11.71 22.39 17.80
N LYS D 16 12.57 22.59 18.84
CA LYS D 16 13.23 21.49 19.56
C LYS D 16 12.27 20.60 20.35
N NH2 D 17 12.80 19.56 21.05
#